data_5TBM
#
_entry.id   5TBM
#
_cell.length_a   73.400
_cell.length_b   84.097
_cell.length_c   41.401
_cell.angle_alpha   90.000
_cell.angle_beta   106.240
_cell.angle_gamma   90.000
#
_symmetry.space_group_name_H-M   'C 1 2 1'
#
loop_
_entity.id
_entity.type
_entity.pdbx_description
1 polymer 'Endothelial PAS domain-containing protein 1'
2 polymer 'Aryl hydrocarbon receptor nuclear translocator'
3 non-polymer 3-{[(1S)-2,2-difluoro-1-hydroxy-7-(methylsulfonyl)-2,3-dihydro-1H-inden-4-yl]oxy}-5-fluorobenzonitrile
4 water water
#
loop_
_entity_poly.entity_id
_entity_poly.type
_entity_poly.pdbx_seq_one_letter_code
_entity_poly.pdbx_strand_id
1 'polypeptide(L)'
;GEFLGLDSKTFLSEHSMDMKFTYCDDRITELIGYHPEELLGRSAYEFYHALDSENMTKSHQNLCTKGQVVSGQYRMLAKH
GGYVWLETQGTVIYNPRNLQPQCIMCVNYVLSEIE
;
A
2 'polypeptide(L)'
;GEFLGNVCQPTRFISRHNIEGIFTFVDHRCVATVGYQPQELLGKNIVEFCHPEDQQLLRDSFQQVVKLKGQVLSVMFRFR
SKNQEWLWMRTSSFTFQNPYSDEIEYIICTNTNVKNS
;
B
#
loop_
_chem_comp.id
_chem_comp.type
_chem_comp.name
_chem_comp.formula
79A non-polymer 3-{[(1S)-2,2-difluoro-1-hydroxy-7-(methylsulfonyl)-2,3-dihydro-1H-inden-4-yl]oxy}-5-fluorobenzonitrile 'C17 H12 F3 N O4 S'
#
# COMPACT_ATOMS: atom_id res chain seq x y z
N LEU A 6 -9.60 -24.13 -13.11
CA LEU A 6 -8.91 -24.54 -11.84
C LEU A 6 -7.41 -24.34 -11.87
N ASP A 7 -6.73 -25.32 -12.42
CA ASP A 7 -5.32 -25.27 -12.55
C ASP A 7 -4.81 -24.05 -13.39
N SER A 8 -5.50 -23.73 -14.47
CA SER A 8 -4.97 -22.67 -15.32
C SER A 8 -5.42 -21.33 -14.74
N LYS A 9 -6.14 -21.42 -13.61
CA LYS A 9 -6.56 -20.24 -12.82
C LYS A 9 -5.83 -20.13 -11.44
N THR A 10 -4.75 -20.89 -11.28
CA THR A 10 -4.02 -20.94 -10.06
C THR A 10 -2.61 -20.50 -10.40
N PHE A 11 -2.10 -19.57 -9.60
CA PHE A 11 -0.72 -19.13 -9.70
C PHE A 11 -0.17 -18.92 -8.30
N LEU A 12 1.14 -19.11 -8.20
CA LEU A 12 1.88 -18.85 -6.94
C LEU A 12 2.49 -17.45 -6.89
N SER A 13 2.54 -16.88 -5.71
CA SER A 13 3.35 -15.72 -5.46
C SER A 13 4.00 -15.88 -4.12
N GLU A 14 5.07 -15.13 -3.92
CA GLU A 14 5.87 -15.19 -2.68
C GLU A 14 6.00 -13.81 -2.12
N HIS A 15 5.95 -13.67 -0.81
CA HIS A 15 5.95 -12.36 -0.26
C HIS A 15 6.88 -12.23 0.89
N SER A 16 7.48 -11.03 1.07
CA SER A 16 8.19 -10.74 2.35
C SER A 16 7.17 -10.54 3.47
N MET A 17 7.65 -10.43 4.70
CA MET A 17 6.78 -10.38 5.85
C MET A 17 6.00 -9.07 5.90
N ASP A 18 6.48 -8.06 5.18
CA ASP A 18 5.74 -6.80 4.98
C ASP A 18 4.73 -6.84 3.81
N MET A 19 4.50 -8.01 3.21
CA MET A 19 3.47 -8.21 2.17
C MET A 19 3.90 -7.83 0.75
N LYS A 20 5.11 -7.31 0.57
CA LYS A 20 5.63 -7.07 -0.77
C LYS A 20 5.80 -8.37 -1.56
N PHE A 21 5.49 -8.33 -2.85
CA PHE A 21 5.89 -9.37 -3.77
C PHE A 21 7.42 -9.55 -3.82
N THR A 22 7.92 -10.77 -3.65
CA THR A 22 9.33 -11.11 -4.01
C THR A 22 9.43 -12.05 -5.20
N TYR A 23 8.29 -12.59 -5.63
CA TYR A 23 8.22 -13.50 -6.75
C TYR A 23 6.77 -13.70 -7.18
N CYS A 24 6.50 -13.87 -8.47
CA CYS A 24 5.14 -14.21 -8.89
C CYS A 24 5.21 -15.09 -10.13
N ASP A 25 4.32 -16.12 -10.26
CA ASP A 25 4.25 -16.99 -11.45
C ASP A 25 3.87 -16.14 -12.62
N ASP A 26 4.31 -16.55 -13.80
CA ASP A 26 4.04 -15.74 -15.02
C ASP A 26 2.57 -15.82 -15.35
N ARG A 27 1.95 -16.93 -14.94
CA ARG A 27 0.52 -17.22 -15.16
C ARG A 27 -0.42 -16.05 -14.77
N ILE A 28 0.05 -15.11 -13.90
CA ILE A 28 -0.74 -14.00 -13.49
C ILE A 28 -0.99 -13.05 -14.65
N THR A 29 -0.17 -13.19 -15.68
CA THR A 29 -0.34 -12.34 -16.89
C THR A 29 -1.62 -12.68 -17.69
N GLU A 30 -1.81 -13.94 -18.09
CA GLU A 30 -3.02 -14.32 -18.84
C GLU A 30 -4.33 -14.29 -17.99
N LEU A 31 -4.23 -13.86 -16.73
CA LEU A 31 -5.38 -13.82 -15.89
C LEU A 31 -5.72 -12.43 -15.34
N ILE A 32 -4.71 -11.67 -14.92
CA ILE A 32 -4.95 -10.39 -14.28
C ILE A 32 -4.24 -9.23 -15.03
N GLY A 33 -3.38 -9.55 -16.01
CA GLY A 33 -2.64 -8.54 -16.77
C GLY A 33 -1.21 -8.17 -16.34
N TYR A 34 -0.89 -8.30 -15.05
CA TYR A 34 0.40 -7.85 -14.57
C TYR A 34 1.55 -8.72 -15.08
N HIS A 35 2.69 -8.08 -15.32
CA HIS A 35 3.92 -8.84 -15.47
C HIS A 35 4.54 -9.01 -14.12
N PRO A 36 5.10 -10.22 -13.82
CA PRO A 36 5.64 -10.40 -12.46
C PRO A 36 6.67 -9.36 -12.07
N GLU A 37 7.54 -8.98 -13.00
CA GLU A 37 8.63 -8.07 -12.68
C GLU A 37 8.11 -6.75 -12.13
N GLU A 38 6.97 -6.29 -12.65
CA GLU A 38 6.43 -5.00 -12.26
C GLU A 38 5.73 -5.17 -10.89
N LEU A 39 5.71 -6.39 -10.40
CA LEU A 39 5.06 -6.61 -9.14
C LEU A 39 6.02 -6.52 -7.95
N LEU A 40 7.28 -6.83 -8.11
CA LEU A 40 8.16 -6.96 -6.91
C LEU A 40 8.49 -5.63 -6.26
N GLY A 41 8.74 -5.69 -4.97
CA GLY A 41 8.93 -4.48 -4.21
C GLY A 41 7.62 -3.87 -3.77
N ARG A 42 6.50 -4.25 -4.38
CA ARG A 42 5.17 -3.65 -4.05
C ARG A 42 4.28 -4.42 -3.08
N SER A 43 3.70 -3.69 -2.13
CA SER A 43 2.78 -4.33 -1.19
C SER A 43 1.52 -4.86 -1.90
N ALA A 44 1.14 -6.08 -1.51
CA ALA A 44 -0.13 -6.67 -1.97
C ALA A 44 -1.23 -5.71 -1.64
N TYR A 45 -1.01 -4.94 -0.58
CA TYR A 45 -1.94 -3.98 -0.12
C TYR A 45 -2.30 -2.93 -1.13
N GLU A 46 -1.35 -2.57 -2.00
CA GLU A 46 -1.63 -1.62 -3.09
C GLU A 46 -2.77 -2.04 -3.96
N PHE A 47 -3.07 -3.33 -3.92
CA PHE A 47 -3.93 -3.97 -4.94
C PHE A 47 -5.34 -4.41 -4.45
N TYR A 48 -5.56 -4.62 -3.15
CA TYR A 48 -6.86 -4.94 -2.70
C TYR A 48 -7.80 -3.76 -2.88
N HIS A 49 -8.99 -4.07 -3.41
CA HIS A 49 -10.19 -3.25 -3.25
C HIS A 49 -10.36 -2.73 -1.86
N ALA A 50 -10.82 -1.49 -1.77
CA ALA A 50 -10.93 -0.79 -0.49
C ALA A 50 -11.82 -1.56 0.49
N LEU A 51 -12.87 -2.16 -0.02
CA LEU A 51 -13.83 -2.84 0.83
C LEU A 51 -13.33 -4.16 1.44
N ASP A 52 -12.17 -4.66 0.98
CA ASP A 52 -11.63 -5.97 1.43
C ASP A 52 -10.44 -5.76 2.29
N SER A 53 -10.01 -4.51 2.35
CA SER A 53 -8.77 -4.17 2.99
C SER A 53 -8.72 -4.53 4.48
N GLU A 54 -9.70 -4.09 5.27
CA GLU A 54 -9.68 -4.43 6.71
C GLU A 54 -9.69 -5.95 6.91
N ASN A 55 -10.49 -6.69 6.13
CA ASN A 55 -10.51 -8.20 6.15
C ASN A 55 -9.20 -8.93 5.88
N MET A 56 -8.46 -8.46 4.85
CA MET A 56 -7.13 -8.95 4.54
C MET A 56 -6.17 -8.66 5.67
N THR A 57 -6.21 -7.43 6.19
CA THR A 57 -5.44 -7.13 7.40
C THR A 57 -5.68 -8.21 8.51
N LYS A 58 -6.94 -8.60 8.70
CA LYS A 58 -7.32 -9.59 9.75
C LYS A 58 -6.76 -10.98 9.47
N SER A 59 -6.86 -11.39 8.20
CA SER A 59 -6.26 -12.64 7.72
C SER A 59 -4.75 -12.57 7.88
N HIS A 60 -4.15 -11.44 7.51
CA HIS A 60 -2.73 -11.36 7.71
C HIS A 60 -2.42 -11.57 9.16
N GLN A 61 -3.13 -10.93 10.09
CA GLN A 61 -2.93 -11.20 11.54
C GLN A 61 -3.08 -12.68 11.89
N ASN A 62 -4.13 -13.33 11.37
CA ASN A 62 -4.31 -14.76 11.56
C ASN A 62 -3.16 -15.58 10.99
N LEU A 63 -2.69 -15.18 9.80
CA LEU A 63 -1.56 -15.83 9.14
C LEU A 63 -0.27 -15.72 9.94
N CYS A 64 -0.05 -14.59 10.61
CA CYS A 64 1.18 -14.46 11.38
C CYS A 64 1.05 -15.19 12.70
N THR A 65 -0.14 -15.17 13.29
CA THR A 65 -0.33 -15.87 14.57
C THR A 65 -0.50 -17.40 14.42
N LYS A 66 -1.27 -17.85 13.43
CA LYS A 66 -1.41 -19.30 13.18
C LYS A 66 -0.34 -19.91 12.25
N GLY A 67 0.16 -19.14 11.28
CA GLY A 67 1.15 -19.65 10.31
C GLY A 67 0.64 -20.13 8.95
N GLN A 68 -0.68 -20.26 8.80
CA GLN A 68 -1.31 -20.68 7.55
C GLN A 68 -2.71 -20.13 7.60
N VAL A 69 -3.23 -19.62 6.49
CA VAL A 69 -4.58 -19.11 6.49
C VAL A 69 -5.19 -19.28 5.13
N VAL A 70 -6.51 -19.30 5.08
CA VAL A 70 -7.25 -19.16 3.84
C VAL A 70 -7.85 -17.78 3.92
N SER A 71 -7.61 -16.93 2.92
CA SER A 71 -8.03 -15.55 2.96
C SER A 71 -9.54 -15.40 2.98
N GLY A 72 -10.26 -16.28 2.31
CA GLY A 72 -11.64 -15.90 2.06
C GLY A 72 -11.57 -14.91 0.91
N GLN A 73 -12.72 -14.50 0.39
CA GLN A 73 -12.84 -13.87 -0.90
C GLN A 73 -12.45 -12.39 -0.90
N TYR A 74 -11.66 -12.01 -1.90
CA TYR A 74 -11.22 -10.59 -2.00
C TYR A 74 -11.06 -10.26 -3.48
N ARG A 75 -10.91 -8.97 -3.79
CA ARG A 75 -10.86 -8.48 -5.17
C ARG A 75 -9.50 -7.86 -5.34
N MET A 76 -8.91 -8.06 -6.52
CA MET A 76 -7.64 -7.45 -6.86
C MET A 76 -7.82 -6.52 -8.08
N LEU A 77 -7.29 -5.31 -7.95
CA LEU A 77 -7.35 -4.31 -9.02
C LEU A 77 -6.65 -4.95 -10.20
N ALA A 78 -7.39 -5.21 -11.26
CA ALA A 78 -6.74 -5.73 -12.50
C ALA A 78 -5.82 -4.70 -13.12
N LYS A 79 -4.97 -5.16 -14.02
CA LYS A 79 -3.96 -4.30 -14.61
C LYS A 79 -4.62 -3.23 -15.46
N HIS A 80 -5.60 -3.59 -16.28
CA HIS A 80 -6.20 -2.64 -17.20
C HIS A 80 -7.61 -2.24 -16.87
N GLY A 81 -7.89 -2.09 -15.56
CA GLY A 81 -9.20 -1.69 -15.02
C GLY A 81 -9.99 -2.83 -14.43
N GLY A 82 -10.96 -2.53 -13.56
CA GLY A 82 -11.84 -3.56 -12.97
C GLY A 82 -11.11 -4.42 -11.92
N TYR A 83 -11.84 -5.30 -11.26
CA TYR A 83 -11.31 -6.07 -10.14
C TYR A 83 -11.63 -7.53 -10.36
N VAL A 84 -10.68 -8.43 -10.03
CA VAL A 84 -10.81 -9.88 -10.21
C VAL A 84 -10.97 -10.51 -8.81
N TRP A 85 -11.89 -11.44 -8.65
CA TRP A 85 -12.06 -12.06 -7.30
C TRP A 85 -11.07 -13.16 -7.09
N LEU A 86 -10.52 -13.34 -5.89
CA LEU A 86 -9.58 -14.37 -5.77
C LEU A 86 -9.81 -14.95 -4.36
N GLU A 87 -9.25 -16.13 -4.17
CA GLU A 87 -9.13 -16.72 -2.83
C GLU A 87 -7.69 -17.21 -2.72
N THR A 88 -7.03 -16.99 -1.60
CA THR A 88 -5.64 -17.33 -1.47
C THR A 88 -5.45 -18.18 -0.27
N GLN A 89 -4.62 -19.22 -0.42
CA GLN A 89 -4.04 -19.91 0.72
C GLN A 89 -2.66 -19.41 0.98
N GLY A 90 -2.45 -18.88 2.19
CA GLY A 90 -1.12 -18.43 2.58
C GLY A 90 -0.44 -19.28 3.66
N THR A 91 0.87 -19.43 3.51
CA THR A 91 1.66 -20.25 4.39
C THR A 91 2.96 -19.54 4.70
N VAL A 92 3.25 -19.33 5.98
CA VAL A 92 4.52 -18.72 6.42
C VAL A 92 5.59 -19.78 6.41
N ILE A 93 6.68 -19.50 5.73
CA ILE A 93 7.85 -20.34 5.81
C ILE A 93 8.82 -19.69 6.79
N TYR A 94 9.04 -20.36 7.92
CA TYR A 94 10.00 -19.94 8.94
C TYR A 94 11.28 -20.77 8.72
N ASN A 95 12.48 -20.32 9.11
CA ASN A 95 13.57 -21.29 8.91
C ASN A 95 13.93 -22.28 10.06
N PRO A 96 15.08 -22.09 10.76
CA PRO A 96 15.41 -23.02 11.85
C PRO A 96 14.28 -23.25 12.87
N PRO A 101 10.70 -16.32 10.55
CA PRO A 101 9.80 -16.05 9.42
C PRO A 101 10.68 -15.63 8.30
N GLN A 102 10.65 -16.32 7.17
CA GLN A 102 11.50 -15.95 6.02
C GLN A 102 10.72 -15.38 4.86
N CYS A 103 9.47 -15.82 4.76
CA CYS A 103 8.63 -15.42 3.64
C CYS A 103 7.24 -16.08 3.69
N ILE A 104 6.39 -15.66 2.76
CA ILE A 104 5.03 -16.08 2.71
C ILE A 104 4.78 -16.59 1.33
N MET A 105 4.28 -17.83 1.25
CA MET A 105 3.98 -18.50 -0.02
C MET A 105 2.49 -18.35 -0.20
N CYS A 106 2.07 -17.90 -1.37
CA CYS A 106 0.68 -17.76 -1.56
C CYS A 106 0.29 -18.60 -2.75
N VAL A 107 -0.74 -19.40 -2.53
CA VAL A 107 -1.42 -20.14 -3.63
C VAL A 107 -2.69 -19.37 -4.00
N ASN A 108 -2.75 -18.83 -5.22
CA ASN A 108 -3.79 -17.84 -5.47
C ASN A 108 -4.72 -18.43 -6.53
N TYR A 109 -6.01 -18.52 -6.24
CA TYR A 109 -7.01 -19.08 -7.18
CA TYR A 109 -6.93 -19.01 -7.22
C TYR A 109 -7.97 -17.99 -7.61
N VAL A 110 -8.08 -17.81 -8.90
CA VAL A 110 -8.98 -16.81 -9.44
C VAL A 110 -10.39 -17.39 -9.52
N LEU A 111 -11.25 -16.91 -8.63
CA LEU A 111 -12.71 -17.13 -8.67
C LEU A 111 -13.45 -16.66 -9.93
N SER A 112 -13.22 -15.44 -10.38
CA SER A 112 -14.02 -14.84 -11.43
C SER A 112 -13.19 -14.35 -12.61
N GLU A 113 -13.87 -13.86 -13.65
CA GLU A 113 -13.19 -13.16 -14.76
C GLU A 113 -13.14 -11.64 -14.46
N ILE A 114 -13.03 -10.76 -15.46
CA ILE A 114 -12.71 -9.32 -15.18
C ILE A 114 -13.93 -8.36 -15.11
N GLU A 115 -13.68 -7.05 -14.94
CA GLU A 115 -14.75 -6.02 -14.87
C GLU A 115 -14.35 -4.69 -15.52
N CYS B 8 -12.86 28.04 11.01
CA CYS B 8 -12.64 26.63 11.39
C CYS B 8 -11.29 26.17 10.85
N GLN B 9 -10.53 25.49 11.70
CA GLN B 9 -9.19 25.00 11.33
C GLN B 9 -9.29 23.67 10.56
N PRO B 10 -8.59 23.56 9.41
CA PRO B 10 -8.68 22.30 8.63
C PRO B 10 -8.13 21.13 9.46
N THR B 11 -8.54 19.90 9.22
CA THR B 11 -7.85 18.85 9.96
C THR B 11 -6.62 18.56 9.16
N ARG B 12 -5.50 18.47 9.86
CA ARG B 12 -4.22 18.23 9.21
C ARG B 12 -3.29 17.51 10.16
N PHE B 13 -2.45 16.65 9.60
CA PHE B 13 -1.43 15.98 10.44
C PHE B 13 -0.09 15.91 9.73
N ILE B 14 0.95 15.89 10.54
CA ILE B 14 2.34 15.73 10.08
C ILE B 14 2.78 14.27 10.08
N SER B 15 3.53 13.96 9.03
CA SER B 15 4.21 12.68 8.89
C SER B 15 5.56 12.89 8.21
N ARG B 16 6.44 11.92 8.44
CA ARG B 16 7.75 11.87 7.81
C ARG B 16 7.84 10.49 7.16
N HIS B 17 8.37 10.48 5.94
CA HIS B 17 8.59 9.29 5.15
C HIS B 17 10.01 9.14 4.67
N ASN B 18 10.39 7.90 4.39
CA ASN B 18 11.59 7.69 3.64
C ASN B 18 11.33 7.97 2.18
N ILE B 19 12.35 7.88 1.36
CA ILE B 19 12.18 8.27 -0.03
C ILE B 19 11.30 7.25 -0.79
N GLU B 20 11.15 6.02 -0.25
CA GLU B 20 10.24 5.02 -0.83
C GLU B 20 8.77 5.35 -0.56
N GLY B 21 8.49 6.07 0.52
CA GLY B 21 7.13 6.46 0.86
C GLY B 21 6.62 5.87 2.16
N ILE B 22 7.45 5.07 2.82
CA ILE B 22 7.08 4.40 4.08
C ILE B 22 6.94 5.45 5.16
N PHE B 23 5.83 5.46 5.89
CA PHE B 23 5.70 6.32 7.08
C PHE B 23 6.81 5.99 8.07
N THR B 24 7.58 6.97 8.50
CA THR B 24 8.61 6.75 9.53
C THR B 24 8.31 7.51 10.79
N PHE B 25 7.40 8.49 10.71
CA PHE B 25 6.87 9.19 11.83
C PHE B 25 5.40 9.65 11.55
N VAL B 26 4.51 9.57 12.53
CA VAL B 26 3.11 10.08 12.34
C VAL B 26 2.63 10.94 13.52
N ASP B 27 2.29 12.20 13.26
CA ASP B 27 1.67 13.11 14.25
C ASP B 27 0.24 12.57 14.60
N HIS B 28 -0.04 12.49 15.89
CA HIS B 28 -1.27 11.90 16.43
C HIS B 28 -2.51 12.69 16.07
N ARG B 29 -2.35 13.93 15.60
CA ARG B 29 -3.49 14.59 14.93
C ARG B 29 -4.16 13.80 13.78
N CYS B 30 -3.46 12.79 13.23
CA CYS B 30 -4.01 11.80 12.30
C CYS B 30 -5.30 11.07 12.71
N VAL B 31 -5.53 10.91 14.04
CA VAL B 31 -6.74 10.17 14.51
C VAL B 31 -8.01 10.87 14.02
N ALA B 32 -8.06 12.18 14.22
CA ALA B 32 -9.19 13.01 13.89
C ALA B 32 -9.17 13.36 12.40
N THR B 33 -8.00 13.23 11.79
CA THR B 33 -7.90 13.54 10.33
C THR B 33 -8.35 12.32 9.49
N VAL B 34 -7.84 11.13 9.79
CA VAL B 34 -8.11 9.96 8.98
C VAL B 34 -8.53 8.74 9.81
N GLY B 35 -8.65 8.97 11.09
CA GLY B 35 -9.17 7.95 11.98
C GLY B 35 -8.30 6.77 12.33
N TYR B 36 -7.14 6.62 11.73
CA TYR B 36 -6.22 5.59 12.16
C TYR B 36 -5.38 6.12 13.33
N GLN B 37 -4.95 5.22 14.23
CA GLN B 37 -3.88 5.50 15.22
C GLN B 37 -2.54 5.61 14.51
N PRO B 38 -1.57 6.37 15.09
CA PRO B 38 -0.20 6.40 14.48
C PRO B 38 0.43 5.04 14.06
N GLN B 39 0.30 4.01 14.91
CA GLN B 39 0.96 2.73 14.66
C GLN B 39 0.28 1.89 13.58
N GLU B 40 -0.92 2.32 13.16
CA GLU B 40 -1.57 1.70 12.01
C GLU B 40 -0.99 2.28 10.72
N LEU B 41 -0.36 3.44 10.86
CA LEU B 41 0.29 4.11 9.75
C LEU B 41 1.81 3.72 9.65
N LEU B 42 2.49 3.67 10.79
CA LEU B 42 3.97 3.52 10.85
C LEU B 42 4.42 2.27 10.16
N GLY B 43 5.35 2.40 9.24
CA GLY B 43 5.95 1.23 8.65
C GLY B 43 5.22 0.84 7.39
N LYS B 44 4.09 1.48 7.09
CA LYS B 44 3.43 1.17 5.83
C LYS B 44 3.64 2.27 4.85
N ASN B 45 3.61 1.92 3.58
CA ASN B 45 3.77 2.96 2.55
C ASN B 45 2.47 3.76 2.33
N ILE B 46 2.61 5.05 2.02
CA ILE B 46 1.47 5.94 1.95
C ILE B 46 0.59 5.58 0.75
N VAL B 47 1.23 5.02 -0.29
CA VAL B 47 0.58 4.41 -1.47
C VAL B 47 -0.47 3.31 -1.20
N GLU B 48 -0.31 2.60 -0.07
CA GLU B 48 -1.29 1.64 0.40
C GLU B 48 -2.63 2.18 0.97
N PHE B 49 -2.71 3.49 1.19
CA PHE B 49 -3.89 4.07 1.70
C PHE B 49 -4.45 4.91 0.60
N CYS B 50 -3.71 4.91 -0.49
CA CYS B 50 -4.14 5.70 -1.68
C CYS B 50 -5.01 5.03 -2.78
N HIS B 51 -5.91 5.84 -3.39
CA HIS B 51 -6.87 5.41 -4.43
C HIS B 51 -6.11 4.94 -5.66
N PRO B 52 -6.56 3.81 -6.28
CA PRO B 52 -5.84 3.17 -7.36
C PRO B 52 -5.56 4.17 -8.45
N GLU B 53 -6.47 5.10 -8.67
CA GLU B 53 -6.27 6.06 -9.77
C GLU B 53 -5.25 7.08 -9.40
N ASP B 54 -4.91 7.21 -8.11
CA ASP B 54 -4.00 8.28 -7.75
C ASP B 54 -2.60 7.75 -7.29
N GLN B 55 -2.45 6.42 -7.12
CA GLN B 55 -1.18 5.80 -6.66
C GLN B 55 0.03 6.18 -7.48
N GLN B 56 -0.10 6.18 -8.80
CA GLN B 56 1.04 6.53 -9.55
C GLN B 56 1.48 7.97 -9.31
N LEU B 57 0.55 8.92 -9.40
CA LEU B 57 0.87 10.32 -9.15
C LEU B 57 1.57 10.51 -7.80
N LEU B 58 1.15 9.75 -6.81
CA LEU B 58 1.75 9.89 -5.49
C LEU B 58 3.23 9.34 -5.49
N ARG B 59 3.41 8.17 -6.07
CA ARG B 59 4.73 7.66 -6.37
C ARG B 59 5.55 8.68 -7.12
N ASP B 60 5.05 9.29 -8.22
CA ASP B 60 5.94 10.23 -8.92
C ASP B 60 6.15 11.49 -8.13
N SER B 61 5.22 11.80 -7.22
CA SER B 61 5.46 12.94 -6.33
C SER B 61 6.62 12.77 -5.37
N PHE B 62 6.64 11.65 -4.66
CA PHE B 62 7.73 11.32 -3.82
C PHE B 62 9.05 11.28 -4.57
N GLN B 63 9.05 10.82 -5.83
CA GLN B 63 10.27 10.82 -6.60
C GLN B 63 10.70 12.23 -6.92
N GLN B 64 9.76 13.09 -7.32
CA GLN B 64 10.14 14.45 -7.59
C GLN B 64 10.54 15.29 -6.39
N VAL B 65 9.79 15.21 -5.29
CA VAL B 65 10.14 15.97 -4.10
C VAL B 65 11.69 15.96 -3.89
N VAL B 66 12.39 14.83 -4.11
CA VAL B 66 13.87 14.80 -3.86
C VAL B 66 14.73 15.56 -4.87
N LYS B 67 14.19 15.85 -6.04
CA LYS B 67 14.95 16.57 -7.05
C LYS B 67 14.74 18.07 -6.99
N LEU B 68 13.86 18.51 -6.10
CA LEU B 68 13.47 19.91 -6.13
C LEU B 68 14.23 20.79 -5.12
N LYS B 69 15.42 20.33 -4.72
CA LYS B 69 16.30 21.19 -3.91
C LYS B 69 15.64 21.57 -2.58
N GLY B 70 14.98 20.62 -1.89
CA GLY B 70 14.25 20.94 -0.66
C GLY B 70 13.08 21.97 -0.66
N GLN B 71 12.60 22.42 -1.85
CA GLN B 71 11.38 23.28 -2.03
C GLN B 71 10.05 22.44 -1.87
N VAL B 72 8.88 23.09 -1.73
CA VAL B 72 7.59 22.41 -1.36
C VAL B 72 6.97 21.77 -2.60
N LEU B 73 6.55 20.51 -2.46
CA LEU B 73 5.75 19.87 -3.49
C LEU B 73 4.38 19.50 -2.91
N SER B 74 3.33 19.87 -3.65
CA SER B 74 2.00 19.61 -3.14
C SER B 74 1.34 18.53 -3.98
N VAL B 75 0.53 17.67 -3.42
CA VAL B 75 -0.22 16.73 -4.25
C VAL B 75 -1.62 16.47 -3.64
N MET B 76 -2.64 16.31 -4.51
CA MET B 76 -3.96 15.96 -4.09
C MET B 76 -4.30 14.53 -4.46
N PHE B 77 -4.76 13.73 -3.50
CA PHE B 77 -5.07 12.33 -3.73
C PHE B 77 -6.12 11.87 -2.70
N ARG B 78 -6.72 10.74 -2.94
CA ARG B 78 -7.80 10.19 -2.10
C ARG B 78 -7.15 9.16 -1.33
N PHE B 79 -7.49 9.27 -0.03
CA PHE B 79 -6.92 8.53 1.06
C PHE B 79 -8.05 7.79 1.74
N ARG B 80 -7.84 6.52 2.02
CA ARG B 80 -8.87 5.69 2.53
C ARG B 80 -8.85 5.80 4.06
N SER B 81 -9.85 6.51 4.63
CA SER B 81 -9.99 6.65 6.13
C SER B 81 -10.21 5.32 6.82
N LYS B 82 -10.17 5.29 8.17
CA LYS B 82 -10.29 3.99 8.87
C LYS B 82 -11.70 3.40 8.65
N ASN B 83 -12.63 4.26 8.25
CA ASN B 83 -13.95 3.86 7.77
C ASN B 83 -14.02 3.17 6.35
N GLN B 84 -12.94 3.21 5.61
CA GLN B 84 -12.90 2.67 4.23
C GLN B 84 -13.53 3.65 3.19
N GLU B 85 -13.90 4.88 3.68
CA GLU B 85 -14.23 6.12 2.86
C GLU B 85 -13.08 6.92 2.14
N TRP B 86 -13.26 7.36 0.89
CA TRP B 86 -12.19 8.05 0.20
C TRP B 86 -12.19 9.50 0.58
N LEU B 87 -11.17 10.00 1.29
CA LEU B 87 -11.13 11.43 1.64
C LEU B 87 -10.12 12.13 0.74
N TRP B 88 -10.48 13.33 0.33
CA TRP B 88 -9.51 14.09 -0.35
C TRP B 88 -8.50 14.72 0.59
N MET B 89 -7.22 14.40 0.35
CA MET B 89 -6.04 14.97 1.02
C MET B 89 -5.20 15.89 0.14
N ARG B 90 -4.76 17.02 0.70
CA ARG B 90 -3.67 17.76 0.07
C ARG B 90 -2.47 17.43 0.98
N THR B 91 -1.47 16.75 0.41
CA THR B 91 -0.18 16.56 1.10
C THR B 91 0.82 17.54 0.52
N SER B 92 1.32 18.43 1.39
CA SER B 92 2.44 19.31 1.07
C SER B 92 3.71 18.73 1.67
N SER B 93 4.68 18.53 0.79
CA SER B 93 5.93 17.86 1.22
C SER B 93 7.22 18.60 0.77
N PHE B 94 8.28 18.32 1.51
CA PHE B 94 9.61 18.84 1.24
C PHE B 94 10.68 17.96 1.85
N THR B 95 11.87 17.97 1.24
CA THR B 95 13.00 17.23 1.81
C THR B 95 13.70 17.96 2.96
N PHE B 96 14.28 17.21 3.87
CA PHE B 96 15.17 17.87 4.79
C PHE B 96 16.41 17.06 4.89
N GLN B 97 17.51 17.74 4.95
CA GLN B 97 18.80 17.09 4.98
C GLN B 97 19.71 18.00 5.76
N ASN B 98 20.13 17.48 6.90
CA ASN B 98 20.93 18.20 7.81
C ASN B 98 22.34 18.36 7.23
N PRO B 99 22.71 19.63 7.01
CA PRO B 99 23.91 19.92 6.26
C PRO B 99 25.20 19.75 7.08
N TYR B 100 25.12 19.43 8.38
CA TYR B 100 26.34 18.98 9.07
C TYR B 100 26.66 17.54 8.75
N SER B 101 25.75 16.89 8.03
CA SER B 101 25.95 15.49 7.67
C SER B 101 25.67 15.19 6.20
N ASP B 102 25.93 13.93 5.83
CA ASP B 102 25.65 13.42 4.49
C ASP B 102 24.73 12.21 4.58
N GLU B 103 23.83 12.22 5.55
CA GLU B 103 22.83 11.17 5.67
C GLU B 103 21.76 11.36 4.59
N ILE B 104 21.12 10.27 4.20
CA ILE B 104 20.07 10.35 3.17
C ILE B 104 18.91 11.31 3.57
N GLU B 105 18.49 12.18 2.66
CA GLU B 105 17.42 13.08 2.95
C GLU B 105 16.13 12.30 3.20
N TYR B 106 15.30 12.85 4.05
CA TYR B 106 13.96 12.34 4.19
C TYR B 106 12.91 13.41 3.91
N ILE B 107 11.69 12.95 3.88
CA ILE B 107 10.56 13.75 3.44
C ILE B 107 9.60 14.07 4.57
N ILE B 108 9.35 15.38 4.73
CA ILE B 108 8.39 15.92 5.71
C ILE B 108 7.09 16.30 4.98
N CYS B 109 6.00 15.74 5.47
CA CYS B 109 4.69 15.93 4.90
C CYS B 109 3.74 16.66 5.81
N THR B 110 3.00 17.62 5.30
CA THR B 110 1.80 18.03 6.03
C THR B 110 0.59 17.51 5.25
N ASN B 111 -0.32 16.87 5.94
CA ASN B 111 -1.48 16.18 5.30
C ASN B 111 -2.83 16.78 5.73
N THR B 112 -3.50 17.47 4.81
CA THR B 112 -4.79 18.15 5.15
C THR B 112 -6.03 17.63 4.39
N ASN B 113 -7.15 17.32 5.08
CA ASN B 113 -8.44 16.98 4.43
C ASN B 113 -9.04 18.19 3.70
N VAL B 114 -9.04 18.18 2.37
CA VAL B 114 -9.56 19.34 1.68
C VAL B 114 -10.82 18.93 0.85
N LYS B 115 -11.45 19.91 0.23
CA LYS B 115 -12.60 19.79 -0.62
C LYS B 115 -12.08 19.66 -2.04
N ASN B 116 -12.59 18.71 -2.80
CA ASN B 116 -12.32 18.79 -4.22
C ASN B 116 -13.55 19.44 -4.92
N SER B 117 -13.53 20.77 -5.13
CA SER B 117 -14.71 21.48 -5.71
C SER B 117 -14.55 22.95 -6.18
N1 79A C . -4.79 -8.25 -4.41
C17 79A C . -4.00 -9.12 -4.27
C6 79A C . -3.13 -10.07 -4.04
C7 79A C . -2.49 -10.21 -2.81
C8 79A C . -1.58 -11.23 -2.64
C9 79A C . -1.23 -12.09 -3.70
C10 79A C . -1.88 -11.95 -4.92
F1 79A C . -1.63 -12.78 -5.97
C5 79A C . -2.81 -10.94 -5.07
O1 79A C . -0.99 -11.24 -1.42
C1 79A C . -1.66 -11.92 -0.44
C14 79A C . -0.98 -11.90 0.73
C15 79A C . 0.36 -11.23 1.02
C11 79A C . 0.79 -11.97 2.29
F3 79A C . 1.57 -11.18 3.02
F2 79A C . 1.50 -13.02 1.95
C13 79A C . -1.49 -12.59 1.81
C12 79A C . -0.55 -12.44 2.94
O4 79A C . -1.04 -11.40 3.78
C4 79A C . -2.70 -13.28 1.68
S1 79A C . -3.32 -14.10 2.99
C16 79A C . -3.80 -12.84 3.91
O3 79A C . -4.35 -14.91 2.41
O2 79A C . -2.21 -14.85 3.48
C3 79A C . -3.43 -13.29 0.51
C2 79A C . -2.87 -12.57 -0.61
#